data_3GP8
#
_entry.id   3GP8
#
_cell.length_a   54.140
_cell.length_b   90.320
_cell.length_c   142.180
_cell.angle_alpha   90.00
_cell.angle_beta   90.00
_cell.angle_gamma   90.00
#
_symmetry.space_group_name_H-M   'P 21 21 21'
#
loop_
_entity.id
_entity.type
_entity.pdbx_description
1 polymer 'Exodeoxyribonuclease V, subunit RecD, putative'
2 polymer "5'-D(*TP*TP*TP*TP*TP*T*TP*TP*TP*TP*TP*TP*TP*T)-3'"
3 water water
#
loop_
_entity_poly.entity_id
_entity_poly.type
_entity_poly.pdbx_seq_one_letter_code
_entity_poly.pdbx_strand_id
1 'polypeptide(L)'
;MSQQGLERRLLAGLQGLGLTINQAQRAVKHFGADALDRLEKDLFTLTEVEGIGFLTADKLWQARGGALDDPRRLTAAAVY
ALQLAGTQAGHSFLPRSRAEKGVVHYTRVTPGQARLAVETAVELGRLSEDDSPLFAAEAAATGEGRIYLPHVLRAEKKLA
SLIRTLLATPPADGAGNDDWAVPKKARKGLSEEQASVLDQLAGHRLVVLTGGPGTGKSTTTKAVADLAESLGLEVGLCAP
TGKAARRLGEVTGRTASTVHRLLGYGPQGFRHNHLEPAPYDLLIVDEVSMMGDALMLSLLAAVPPGARVLLVGDTDQLPP
VDAGLPLLALAQAAPTIKLTQVYRQAAKNPIIQAAHGLLHGEAPAWGDKRLNLTEIEPDGGARRVALMVRELGGPGAVQV
LTPMRKGPLGMDHLNYHLQALFNPGEGGVRIAEGEARPGDTVVQTKNDYNNEIFNGTLGMVLKAEGARLTVDFDGNVVEL
TGAELFNLQLGYALTVHRAQGSEWGTVLGVLHEAHMPMLSRNLVYTALTRARDRFFSAGSASAWQIAAARQREARNTALL
ERIRAHLEHHHHHH
;
A
2 'polydeoxyribonucleotide' (DT)(DT)(DT)(DT)(DT)(DT)(DT)(DT)(DT)(DT)(DT)(DT)(DT)(DT) X
#
loop_
_chem_comp.id
_chem_comp.type
_chem_comp.name
_chem_comp.formula
DT DNA linking THYMIDINE-5'-MONOPHOSPHATE 'C10 H15 N2 O8 P'
#
# COMPACT_ATOMS: atom_id res chain seq x y z
N GLN A 4 -2.06 32.29 -12.39
CA GLN A 4 -1.28 31.22 -11.69
C GLN A 4 -0.01 30.83 -12.45
N GLY A 5 0.15 31.36 -13.67
CA GLY A 5 1.24 30.98 -14.57
C GLY A 5 2.51 31.72 -14.29
N LEU A 6 3.61 31.31 -14.91
CA LEU A 6 4.95 31.84 -14.59
C LEU A 6 5.35 33.06 -15.44
N GLU A 7 5.94 34.06 -14.79
CA GLU A 7 6.56 35.19 -15.48
C GLU A 7 7.78 34.71 -16.26
N ARG A 8 7.85 35.13 -17.52
CA ARG A 8 8.88 34.74 -18.48
C ARG A 8 10.31 34.60 -17.95
N ARG A 9 10.81 35.62 -17.25
CA ARG A 9 12.19 35.62 -16.77
C ARG A 9 12.36 34.70 -15.57
N LEU A 10 11.29 34.51 -14.79
CA LEU A 10 11.30 33.54 -13.71
C LEU A 10 11.52 32.14 -14.29
N LEU A 11 10.71 31.83 -15.31
CA LEU A 11 10.77 30.54 -15.98
C LEU A 11 12.13 30.35 -16.67
N ALA A 12 12.58 31.38 -17.37
CA ALA A 12 13.85 31.29 -18.07
C ALA A 12 14.99 30.99 -17.09
N GLY A 13 15.02 31.69 -15.96
CA GLY A 13 16.05 31.48 -14.96
C GLY A 13 15.99 30.08 -14.37
N LEU A 14 14.80 29.64 -14.01
CA LEU A 14 14.64 28.32 -13.43
C LEU A 14 15.14 27.23 -14.41
N GLN A 15 14.79 27.35 -15.68
CA GLN A 15 15.32 26.44 -16.70
C GLN A 15 16.84 26.58 -16.82
N GLY A 16 17.34 27.79 -16.65
CA GLY A 16 18.78 28.04 -16.58
C GLY A 16 19.55 27.25 -15.52
N LEU A 17 18.85 26.74 -14.50
CA LEU A 17 19.47 25.86 -13.49
C LEU A 17 19.40 24.37 -13.90
N GLY A 18 18.75 24.09 -15.02
CA GLY A 18 18.61 22.71 -15.50
C GLY A 18 17.25 22.10 -15.26
N LEU A 19 16.28 22.90 -14.83
CA LEU A 19 14.92 22.42 -14.57
C LEU A 19 14.10 22.37 -15.86
N THR A 20 13.22 21.38 -15.96
CA THR A 20 12.25 21.32 -17.05
C THR A 20 11.16 22.33 -16.73
N ILE A 21 10.28 22.55 -17.68
CA ILE A 21 9.17 23.47 -17.46
C ILE A 21 8.37 22.99 -16.25
N ASN A 22 7.99 21.72 -16.27
CA ASN A 22 7.22 21.10 -15.18
C ASN A 22 7.86 21.34 -13.82
N GLN A 23 9.17 21.14 -13.76
CA GLN A 23 9.91 21.31 -12.52
C GLN A 23 9.85 22.78 -12.06
N ALA A 24 10.01 23.70 -13.01
CA ALA A 24 9.86 25.13 -12.74
C ALA A 24 8.47 25.46 -12.16
N GLN A 25 7.43 24.83 -12.70
CA GLN A 25 6.09 25.02 -12.15
C GLN A 25 5.96 24.51 -10.72
N ARG A 26 6.49 23.32 -10.47
CA ARG A 26 6.45 22.75 -9.13
C ARG A 26 7.21 23.62 -8.13
N ALA A 27 8.41 24.07 -8.49
CA ALA A 27 9.21 24.97 -7.64
C ALA A 27 8.43 26.20 -7.21
N VAL A 28 7.76 26.82 -8.17
CA VAL A 28 7.08 28.08 -7.91
C VAL A 28 5.85 27.82 -7.03
N LYS A 29 5.07 26.78 -7.35
CA LYS A 29 3.94 26.41 -6.50
C LYS A 29 4.40 26.29 -5.05
N HIS A 30 5.57 25.69 -4.87
CA HIS A 30 6.13 25.45 -3.54
C HIS A 30 6.66 26.70 -2.83
N PHE A 31 7.37 27.57 -3.56
CA PHE A 31 8.05 28.73 -2.97
C PHE A 31 7.39 30.09 -3.18
N GLY A 32 6.69 30.25 -4.29
CA GLY A 32 6.18 31.57 -4.69
C GLY A 32 7.12 32.21 -5.70
N ALA A 33 7.18 33.54 -5.71
CA ALA A 33 7.95 34.24 -6.75
C ALA A 33 9.47 34.15 -6.54
N ASP A 34 9.90 34.11 -5.28
CA ASP A 34 11.34 34.10 -4.99
C ASP A 34 11.94 32.70 -5.11
N ALA A 35 11.22 31.77 -5.72
CA ALA A 35 11.75 30.45 -6.01
C ALA A 35 13.14 30.55 -6.63
N LEU A 36 13.28 31.43 -7.62
CA LEU A 36 14.56 31.61 -8.31
C LEU A 36 15.65 32.06 -7.35
N ASP A 37 15.32 32.95 -6.42
CA ASP A 37 16.29 33.42 -5.43
C ASP A 37 16.69 32.31 -4.47
N ARG A 38 15.71 31.52 -4.05
CA ARG A 38 15.96 30.44 -3.11
C ARG A 38 16.90 29.39 -3.65
N LEU A 39 16.70 29.03 -4.91
CA LEU A 39 17.51 27.96 -5.53
C LEU A 39 18.86 28.47 -6.00
N GLU A 40 18.97 29.77 -6.25
CA GLU A 40 20.28 30.39 -6.46
C GLU A 40 21.09 30.32 -5.16
N LYS A 41 20.45 30.61 -4.04
CA LYS A 41 21.09 30.51 -2.74
C LYS A 41 21.35 29.08 -2.29
N ASP A 42 20.41 28.17 -2.59
CA ASP A 42 20.50 26.76 -2.14
C ASP A 42 19.72 25.84 -3.08
N LEU A 43 20.44 25.27 -4.04
CA LEU A 43 19.85 24.36 -5.02
C LEU A 43 19.22 23.14 -4.35
N PHE A 44 19.77 22.74 -3.20
CA PHE A 44 19.30 21.55 -2.48
C PHE A 44 18.02 21.79 -1.70
N THR A 45 17.59 23.04 -1.69
CA THR A 45 16.25 23.40 -1.27
C THR A 45 15.20 22.71 -2.15
N LEU A 46 15.61 22.15 -3.28
CA LEU A 46 14.71 21.36 -4.10
C LEU A 46 14.27 20.03 -3.45
N THR A 47 15.07 19.51 -2.52
CA THR A 47 14.77 18.27 -1.81
C THR A 47 13.31 18.20 -1.31
N GLU A 48 12.81 19.33 -0.82
CA GLU A 48 11.44 19.36 -0.30
C GLU A 48 10.35 19.55 -1.34
N VAL A 49 10.68 19.80 -2.59
CA VAL A 49 9.59 20.02 -3.55
C VAL A 49 9.12 18.71 -4.18
N GLU A 50 7.85 18.38 -3.92
CA GLU A 50 7.24 17.20 -4.47
C GLU A 50 7.46 17.13 -5.97
N GLY A 51 7.89 15.98 -6.46
CA GLY A 51 8.13 15.79 -7.89
C GLY A 51 9.55 16.11 -8.31
N ILE A 52 10.26 16.89 -7.49
CA ILE A 52 11.67 17.25 -7.68
C ILE A 52 12.48 16.89 -6.43
N GLY A 53 13.16 15.78 -6.39
CA GLY A 53 13.79 15.47 -5.10
C GLY A 53 15.25 15.88 -4.94
N PHE A 54 15.85 15.32 -3.88
CA PHE A 54 17.28 15.38 -3.64
C PHE A 54 18.10 14.92 -4.83
N LEU A 55 17.73 13.75 -5.37
CA LEU A 55 18.44 13.13 -6.49
C LEU A 55 18.55 14.09 -7.68
N THR A 56 17.48 14.80 -7.99
CA THR A 56 17.53 15.82 -9.04
C THR A 56 18.43 16.99 -8.63
N ALA A 57 18.28 17.48 -7.41
CA ALA A 57 19.14 18.56 -6.89
C ALA A 57 20.63 18.19 -6.96
N ASP A 58 20.95 16.94 -6.63
CA ASP A 58 22.32 16.44 -6.61
C ASP A 58 22.91 16.30 -8.02
N LYS A 59 22.10 15.84 -8.98
CA LYS A 59 22.53 15.72 -10.38
C LYS A 59 22.90 17.09 -11.01
N LEU A 60 22.05 18.08 -10.79
CA LEU A 60 22.35 19.44 -11.25
C LEU A 60 23.57 19.99 -10.52
N TRP A 61 23.65 19.74 -9.21
CA TRP A 61 24.72 20.27 -8.38
C TRP A 61 26.10 19.78 -8.81
N GLN A 62 26.23 18.48 -9.00
CA GLN A 62 27.48 17.89 -9.48
C GLN A 62 27.74 18.27 -10.93
N ALA A 63 26.69 18.28 -11.74
CA ALA A 63 26.81 18.67 -13.14
C ALA A 63 27.63 19.96 -13.28
N ARG A 64 27.40 20.93 -12.39
CA ARG A 64 28.17 22.20 -12.41
C ARG A 64 29.32 22.26 -11.38
N GLY A 65 29.88 21.10 -11.03
CA GLY A 65 31.08 21.04 -10.19
C GLY A 65 30.91 21.53 -8.76
N GLY A 66 29.71 21.39 -8.21
CA GLY A 66 29.44 21.80 -6.84
C GLY A 66 30.07 20.84 -5.85
N ALA A 67 30.62 21.38 -4.76
CA ALA A 67 31.37 20.59 -3.77
C ALA A 67 30.53 19.47 -3.13
N LEU A 68 31.07 18.26 -3.16
CA LEU A 68 30.41 17.10 -2.56
C LEU A 68 30.15 17.22 -1.06
N ASP A 69 31.02 17.94 -0.35
CA ASP A 69 30.87 18.10 1.11
C ASP A 69 30.37 19.49 1.53
N ASP A 70 29.69 20.18 0.61
CA ASP A 70 29.03 21.47 0.90
C ASP A 70 27.91 21.26 1.92
N PRO A 71 27.92 21.99 3.06
CA PRO A 71 26.96 21.71 4.14
C PRO A 71 25.49 21.68 3.70
N ARG A 72 25.12 22.56 2.79
CA ARG A 72 23.77 22.54 2.22
C ARG A 72 23.41 21.23 1.56
N ARG A 73 24.40 20.55 0.96
CA ARG A 73 24.17 19.22 0.39
C ARG A 73 23.98 18.23 1.54
N LEU A 74 24.86 18.34 2.52
CA LEU A 74 24.84 17.44 3.67
C LEU A 74 23.56 17.60 4.48
N THR A 75 23.18 18.84 4.76
CA THR A 75 21.92 19.12 5.42
C THR A 75 20.75 18.47 4.66
N ALA A 76 20.70 18.68 3.35
CA ALA A 76 19.62 18.13 2.52
C ALA A 76 19.67 16.59 2.45
N ALA A 77 20.87 16.02 2.57
CA ALA A 77 21.03 14.58 2.62
C ALA A 77 20.39 14.02 3.90
N ALA A 78 20.46 14.77 4.99
CA ALA A 78 19.74 14.42 6.22
C ALA A 78 18.26 14.25 5.94
N VAL A 79 17.68 15.25 5.26
CA VAL A 79 16.25 15.18 4.91
C VAL A 79 15.98 14.00 3.98
N TYR A 80 16.88 13.77 3.02
CA TYR A 80 16.72 12.66 2.07
C TYR A 80 16.77 11.28 2.77
N ALA A 81 17.65 11.15 3.75
CA ALA A 81 17.69 9.94 4.57
C ALA A 81 16.30 9.64 5.14
N LEU A 82 15.63 10.64 5.71
CA LEU A 82 14.26 10.39 6.24
C LEU A 82 13.25 10.10 5.13
N GLN A 83 13.26 10.90 4.07
CA GLN A 83 12.39 10.64 2.93
C GLN A 83 12.54 9.19 2.45
N LEU A 84 13.79 8.74 2.34
CA LEU A 84 14.09 7.39 1.87
C LEU A 84 13.63 6.31 2.86
N ALA A 85 13.75 6.60 4.16
CA ALA A 85 13.24 5.70 5.21
C ALA A 85 11.77 5.40 5.01
N GLY A 86 10.97 6.43 4.79
CA GLY A 86 9.54 6.24 4.54
C GLY A 86 9.30 5.52 3.23
N THR A 87 10.06 5.91 2.22
CA THR A 87 9.88 5.36 0.88
C THR A 87 10.24 3.90 0.76
N GLN A 88 11.38 3.52 1.31
CA GLN A 88 11.96 2.23 0.98
C GLN A 88 11.64 1.19 2.04
N ALA A 89 11.09 1.63 3.17
CA ALA A 89 10.79 0.72 4.28
C ALA A 89 9.63 1.16 5.18
N GLY A 90 8.92 2.22 4.81
CA GLY A 90 7.70 2.58 5.51
C GLY A 90 7.85 3.18 6.88
N HIS A 91 9.08 3.52 7.27
CA HIS A 91 9.33 4.12 8.59
C HIS A 91 8.68 5.51 8.67
N SER A 92 8.20 5.89 9.84
CA SER A 92 7.78 7.28 10.10
C SER A 92 8.90 8.12 10.69
N PHE A 93 9.94 7.47 11.21
CA PHE A 93 11.04 8.19 11.84
C PHE A 93 12.26 7.29 11.85
N LEU A 94 13.42 7.86 12.19
CA LEU A 94 14.62 7.09 12.46
C LEU A 94 15.25 7.58 13.77
N PRO A 95 15.75 6.64 14.61
CA PRO A 95 16.57 7.10 15.71
C PRO A 95 17.72 7.91 15.13
N ARG A 96 18.15 8.89 15.91
CA ARG A 96 19.11 9.88 15.48
C ARG A 96 20.36 9.27 14.88
N SER A 97 20.88 8.22 15.50
CA SER A 97 22.08 7.56 15.01
C SER A 97 21.86 6.89 13.67
N ARG A 98 20.62 6.48 13.38
CA ARG A 98 20.33 5.90 12.07
C ARG A 98 20.21 6.99 11.02
N ALA A 99 19.60 8.12 11.38
CA ALA A 99 19.57 9.27 10.47
C ALA A 99 21.01 9.66 10.08
N GLU A 100 21.88 9.78 11.08
CA GLU A 100 23.29 10.11 10.85
C GLU A 100 23.93 9.04 9.97
N LYS A 101 23.69 7.77 10.29
CA LYS A 101 24.21 6.67 9.48
C LYS A 101 23.72 6.75 8.02
N GLY A 102 22.44 7.04 7.84
CA GLY A 102 21.87 7.33 6.54
C GLY A 102 22.70 8.28 5.71
N VAL A 103 23.08 9.41 6.31
CA VAL A 103 23.90 10.42 5.62
C VAL A 103 25.29 9.87 5.27
N VAL A 104 25.92 9.18 6.21
CA VAL A 104 27.23 8.60 5.93
C VAL A 104 27.09 7.66 4.74
N HIS A 105 26.16 6.73 4.82
CA HIS A 105 25.94 5.72 3.77
C HIS A 105 25.87 6.37 2.41
N TYR A 106 25.09 7.42 2.27
CA TYR A 106 24.90 8.05 0.96
C TYR A 106 26.02 9.01 0.55
N THR A 107 26.43 9.90 1.45
CA THR A 107 27.37 10.95 1.09
C THR A 107 28.83 10.57 1.37
N ARG A 108 29.02 9.53 2.18
CA ARG A 108 30.35 9.03 2.55
C ARG A 108 31.24 10.07 3.22
N VAL A 109 30.61 10.93 4.02
CA VAL A 109 31.32 11.90 4.85
C VAL A 109 31.53 11.30 6.23
N THR A 110 32.28 12.00 7.07
CA THR A 110 32.63 11.51 8.40
C THR A 110 31.41 11.55 9.29
N PRO A 111 31.47 10.84 10.43
CA PRO A 111 30.34 10.91 11.37
C PRO A 111 30.09 12.33 11.88
N GLY A 112 31.16 13.07 12.12
CA GLY A 112 31.05 14.45 12.58
C GLY A 112 30.34 15.32 11.56
N GLN A 113 30.71 15.17 10.29
CA GLN A 113 30.01 15.86 9.22
C GLN A 113 28.53 15.49 9.18
N ALA A 114 28.23 14.20 9.39
CA ALA A 114 26.87 13.68 9.33
C ALA A 114 26.04 14.09 10.55
N ARG A 115 26.67 14.07 11.73
CA ARG A 115 26.01 14.57 12.93
C ARG A 115 25.61 16.04 12.76
N LEU A 116 26.51 16.84 12.21
CA LEU A 116 26.25 18.25 11.97
C LEU A 116 25.10 18.43 11.00
N ALA A 117 25.06 17.60 9.97
CA ALA A 117 24.04 17.69 8.93
C ALA A 117 22.66 17.40 9.50
N VAL A 118 22.57 16.43 10.40
CA VAL A 118 21.30 16.16 11.07
C VAL A 118 20.93 17.28 12.04
N GLU A 119 21.91 17.73 12.83
CA GLU A 119 21.74 18.85 13.75
C GLU A 119 21.31 20.11 13.02
N THR A 120 21.92 20.38 11.85
CA THR A 120 21.61 21.60 11.12
C THR A 120 20.19 21.50 10.59
N ALA A 121 19.82 20.33 10.09
CA ALA A 121 18.47 20.11 9.57
C ALA A 121 17.40 20.39 10.64
N VAL A 122 17.66 19.94 11.86
CA VAL A 122 16.74 20.13 12.96
C VAL A 122 16.61 21.59 13.36
N GLU A 123 17.73 22.25 13.65
CA GLU A 123 17.67 23.64 14.10
C GLU A 123 17.08 24.54 13.01
N LEU A 124 17.19 24.12 11.75
CA LEU A 124 16.54 24.83 10.63
C LEU A 124 15.07 24.41 10.42
N GLY A 125 14.61 23.40 11.14
CA GLY A 125 13.22 22.92 11.00
C GLY A 125 12.94 22.19 9.69
N ARG A 126 14.00 21.74 9.01
CA ARG A 126 13.82 20.84 7.89
C ARG A 126 13.62 19.38 8.38
N LEU A 127 14.10 19.08 9.58
CA LEU A 127 13.74 17.83 10.27
C LEU A 127 13.28 18.16 11.68
N SER A 128 12.49 17.26 12.26
CA SER A 128 12.03 17.41 13.62
C SER A 128 12.67 16.38 14.53
N GLU A 129 12.90 16.79 15.77
CA GLU A 129 13.45 15.93 16.80
C GLU A 129 12.47 15.81 17.95
N ASP A 130 12.18 14.57 18.33
CA ASP A 130 11.25 14.29 19.40
C ASP A 130 11.90 13.23 20.26
N ASP A 131 12.08 13.51 21.54
CA ASP A 131 12.64 12.55 22.48
C ASP A 131 11.77 12.37 23.73
N SER A 132 10.48 12.71 23.60
CA SER A 132 9.51 12.66 24.68
C SER A 132 9.14 11.21 24.98
N PRO A 133 9.31 10.76 26.22
CA PRO A 133 9.07 9.36 26.60
C PRO A 133 7.75 8.73 26.14
N LEU A 134 6.68 9.52 26.12
CA LEU A 134 5.32 9.04 25.75
C LEU A 134 4.75 8.05 26.78
N PHE A 135 4.81 6.76 26.46
CA PHE A 135 4.26 5.70 27.30
C PHE A 135 5.42 4.81 27.81
N ALA A 136 6.17 4.24 26.87
CA ALA A 136 7.30 3.36 27.17
C ALA A 136 8.51 4.17 27.66
N GLU A 138 10.67 5.56 25.93
CA GLU A 138 11.43 4.96 24.83
C GLU A 138 12.67 5.78 24.47
N ALA A 139 12.49 7.08 24.21
CA ALA A 139 13.57 7.96 23.75
C ALA A 139 14.55 8.38 24.86
N ALA A 140 14.04 8.60 26.08
CA ALA A 140 14.90 8.89 27.24
C ALA A 140 15.70 7.65 27.73
N ALA A 141 15.07 6.46 27.70
CA ALA A 141 15.73 5.22 28.14
C ALA A 141 16.87 4.81 27.20
N THR A 142 16.56 4.63 25.91
CA THR A 142 17.59 4.31 24.89
C THR A 142 18.45 5.54 24.52
N GLY A 143 18.20 6.67 25.19
CA GLY A 143 19.06 7.85 25.10
C GLY A 143 19.18 8.41 23.69
N GLU A 144 18.13 8.25 22.89
CA GLU A 144 18.16 8.65 21.49
C GLU A 144 16.79 9.09 21.02
N GLY A 145 16.69 10.33 20.56
CA GLY A 145 15.45 10.87 20.07
C GLY A 145 15.11 10.34 18.70
N ARG A 146 13.89 10.61 18.28
CA ARG A 146 13.42 10.20 16.97
C ARG A 146 13.51 11.39 16.02
N ILE A 147 14.04 11.16 14.82
CA ILE A 147 14.06 12.20 13.82
C ILE A 147 12.94 11.92 12.82
N TYR A 148 12.13 12.96 12.55
CA TYR A 148 11.00 12.88 11.63
C TYR A 148 11.08 13.97 10.55
N LEU A 149 10.49 13.72 9.39
CA LEU A 149 10.11 14.81 8.50
C LEU A 149 9.03 15.57 9.28
N PRO A 150 9.13 16.90 9.34
CA PRO A 150 8.17 17.65 10.17
C PRO A 150 6.69 17.30 9.94
N HIS A 151 6.26 17.21 8.69
CA HIS A 151 4.84 16.95 8.43
C HIS A 151 4.42 15.56 8.94
N VAL A 152 5.33 14.59 8.87
CA VAL A 152 5.05 13.23 9.31
C VAL A 152 4.83 13.15 10.83
N LEU A 153 5.59 13.94 11.58
CA LEU A 153 5.48 13.99 13.02
C LEU A 153 4.16 14.65 13.40
N ARG A 154 3.90 15.83 12.85
CA ARG A 154 2.60 16.50 12.99
C ARG A 154 1.44 15.56 12.61
N ALA A 155 1.61 14.78 11.54
CA ALA A 155 0.55 13.87 11.09
C ALA A 155 0.33 12.68 12.03
N GLU A 156 1.41 12.15 12.60
CA GLU A 156 1.32 11.02 13.51
C GLU A 156 0.64 11.47 14.80
N LYS A 157 0.97 12.66 15.28
CA LYS A 157 0.35 13.20 16.51
C LYS A 157 -1.12 13.46 16.29
N LYS A 158 -1.47 14.03 15.14
CA LYS A 158 -2.85 14.39 14.85
C LYS A 158 -3.70 13.12 14.77
N LEU A 159 -3.17 12.11 14.09
CA LEU A 159 -3.84 10.81 13.95
C LEU A 159 -4.18 10.16 15.29
N ALA A 160 -3.19 10.12 16.18
CA ALA A 160 -3.36 9.53 17.52
C ALA A 160 -4.42 10.31 18.28
N SER A 161 -4.49 11.60 17.98
CA SER A 161 -5.38 12.50 18.68
C SER A 161 -6.83 12.25 18.27
N LEU A 162 -7.05 12.13 16.97
CA LEU A 162 -8.36 11.80 16.43
C LEU A 162 -8.80 10.42 16.90
N ILE A 163 -7.89 9.45 16.83
CA ILE A 163 -8.17 8.10 17.31
C ILE A 163 -8.57 8.14 18.78
N ARG A 164 -7.84 8.92 19.58
CA ARG A 164 -8.10 8.99 21.01
C ARG A 164 -9.49 9.54 21.30
N THR A 165 -9.87 10.61 20.60
CA THR A 165 -11.18 11.21 20.80
C THR A 165 -12.29 10.25 20.39
N LEU A 166 -12.09 9.60 19.24
CA LEU A 166 -12.99 8.56 18.74
C LEU A 166 -13.21 7.41 19.72
N LEU A 167 -12.15 6.95 20.38
CA LEU A 167 -12.29 5.88 21.36
C LEU A 167 -13.06 6.34 22.60
N ALA A 168 -12.84 7.60 22.97
CA ALA A 168 -13.21 8.14 24.28
C ALA A 168 -14.60 8.79 24.33
N THR A 169 -15.20 9.03 23.17
CA THR A 169 -16.53 9.61 23.07
C THR A 169 -17.54 8.59 22.54
N PRO A 170 -18.68 8.41 23.21
CA PRO A 170 -19.70 7.50 22.67
C PRO A 170 -20.46 8.05 21.45
N PRO A 171 -21.01 7.17 20.60
CA PRO A 171 -21.78 7.60 19.44
C PRO A 171 -23.02 8.39 19.84
N ALA A 172 -23.28 9.47 19.13
CA ALA A 172 -24.45 10.27 19.41
C ALA A 172 -24.81 11.21 18.26
N ASP A 173 -26.06 11.66 18.30
CA ASP A 173 -26.62 12.59 17.33
C ASP A 173 -26.43 14.03 17.80
N ASP A 178 -28.70 8.89 21.15
CA ASP A 178 -28.62 7.82 20.18
C ASP A 178 -29.70 6.75 20.37
N ASP A 179 -30.07 6.08 19.29
CA ASP A 179 -31.11 5.03 19.30
C ASP A 179 -30.68 3.73 18.57
N TRP A 180 -29.38 3.44 18.59
CA TRP A 180 -28.87 2.16 18.08
C TRP A 180 -29.24 1.05 19.05
N ALA A 181 -29.89 0.01 18.53
CA ALA A 181 -30.24 -1.19 19.30
C ALA A 181 -30.11 -2.40 18.37
N VAL A 182 -29.91 -3.58 18.95
CA VAL A 182 -29.63 -4.78 18.15
C VAL A 182 -30.73 -5.82 18.32
N PRO A 183 -31.68 -5.85 17.37
CA PRO A 183 -32.77 -6.79 17.54
C PRO A 183 -32.27 -8.19 17.24
N LYS A 184 -32.82 -9.17 17.95
CA LYS A 184 -32.48 -10.58 17.74
C LYS A 184 -32.52 -10.92 16.25
N LYS A 185 -33.50 -10.34 15.57
CA LYS A 185 -33.64 -10.36 14.12
C LYS A 185 -32.33 -10.15 13.38
N ALA A 186 -31.67 -9.02 13.64
CA ALA A 186 -30.43 -8.66 12.94
C ALA A 186 -29.27 -9.63 13.20
N ARG A 187 -29.34 -10.39 14.28
CA ARG A 187 -28.31 -11.39 14.61
C ARG A 187 -28.36 -12.65 13.77
N LYS A 188 -29.48 -12.86 13.06
CA LYS A 188 -29.67 -14.10 12.30
C LYS A 188 -28.62 -14.23 11.20
N GLY A 189 -28.15 -15.45 10.98
CA GLY A 189 -27.09 -15.73 10.01
C GLY A 189 -25.70 -15.65 10.61
N LEU A 190 -25.54 -14.91 11.70
CA LEU A 190 -24.25 -14.64 12.30
C LEU A 190 -23.98 -15.57 13.48
N SER A 191 -22.70 -15.81 13.74
CA SER A 191 -22.27 -16.56 14.91
C SER A 191 -22.13 -15.60 16.10
N GLU A 192 -21.73 -16.14 17.25
CA GLU A 192 -21.54 -15.36 18.47
C GLU A 192 -20.55 -14.24 18.23
N GLU A 193 -19.37 -14.59 17.72
CA GLU A 193 -18.30 -13.63 17.46
C GLU A 193 -18.69 -12.55 16.46
N GLN A 194 -19.42 -12.95 15.42
CA GLN A 194 -19.79 -12.02 14.33
C GLN A 194 -20.86 -11.06 14.77
N ALA A 195 -21.92 -11.60 15.35
CA ALA A 195 -22.98 -10.80 15.93
C ALA A 195 -22.43 -9.74 16.89
N SER A 196 -21.37 -10.08 17.62
CA SER A 196 -20.83 -9.16 18.61
C SER A 196 -20.45 -7.80 17.98
N VAL A 197 -20.03 -7.82 16.72
CA VAL A 197 -19.66 -6.59 16.01
C VAL A 197 -20.81 -5.58 16.04
N LEU A 198 -22.04 -6.09 15.89
CA LEU A 198 -23.23 -5.23 15.96
C LEU A 198 -23.41 -4.64 17.37
N ASP A 199 -23.17 -5.45 18.40
CA ASP A 199 -23.22 -4.98 19.79
C ASP A 199 -22.17 -3.91 20.05
N GLN A 200 -20.94 -4.23 19.66
CA GLN A 200 -19.82 -3.36 19.91
C GLN A 200 -20.08 -1.94 19.39
N LEU A 201 -20.76 -1.84 18.25
CA LEU A 201 -21.04 -0.55 17.63
C LEU A 201 -22.15 0.24 18.31
N ALA A 202 -22.94 -0.43 19.17
CA ALA A 202 -23.96 0.28 19.92
C ALA A 202 -23.30 1.33 20.79
N GLY A 203 -22.22 0.94 21.46
CA GLY A 203 -21.58 1.81 22.42
C GLY A 203 -20.35 2.60 21.97
N HIS A 204 -19.81 2.27 20.80
CA HIS A 204 -18.47 2.74 20.43
C HIS A 204 -18.43 3.33 19.03
N ARG A 205 -17.72 4.46 18.89
CA ARG A 205 -17.57 5.15 17.60
C ARG A 205 -16.61 4.46 16.64
N LEU A 206 -15.60 3.75 17.18
CA LEU A 206 -14.54 3.18 16.37
C LEU A 206 -14.41 1.71 16.68
N VAL A 207 -14.63 0.88 15.67
CA VAL A 207 -14.58 -0.57 15.84
C VAL A 207 -13.82 -1.22 14.70
N VAL A 208 -12.99 -2.20 15.06
CA VAL A 208 -12.16 -2.91 14.10
C VAL A 208 -12.67 -4.32 13.97
N LEU A 209 -12.68 -4.83 12.75
CA LEU A 209 -13.11 -6.18 12.47
C LEU A 209 -12.00 -6.87 11.69
N THR A 210 -11.40 -7.90 12.28
CA THR A 210 -10.32 -8.61 11.61
C THR A 210 -10.62 -10.09 11.53
N GLY A 211 -9.83 -10.78 10.71
CA GLY A 211 -10.00 -12.20 10.47
C GLY A 211 -9.62 -12.60 9.06
N GLY A 212 -9.30 -13.88 8.91
CA GLY A 212 -8.83 -14.42 7.66
C GLY A 212 -9.92 -14.95 6.75
N PRO A 213 -9.52 -15.59 5.64
CA PRO A 213 -10.31 -16.09 4.51
C PRO A 213 -11.69 -16.71 4.78
N GLY A 214 -11.75 -17.73 5.63
CA GLY A 214 -13.00 -18.48 5.81
C GLY A 214 -13.84 -18.10 7.01
N THR A 215 -13.79 -16.84 7.40
CA THR A 215 -14.30 -16.40 8.71
C THR A 215 -15.58 -15.57 8.65
N GLY A 216 -15.95 -15.12 7.46
CA GLY A 216 -17.27 -14.52 7.22
C GLY A 216 -17.35 -13.02 7.42
N LYS A 217 -16.23 -12.32 7.20
CA LYS A 217 -16.21 -10.86 7.30
C LYS A 217 -17.24 -10.21 6.36
N SER A 218 -17.53 -10.86 5.24
CA SER A 218 -18.45 -10.31 4.26
C SER A 218 -19.90 -10.28 4.77
N THR A 219 -20.42 -11.42 5.21
CA THR A 219 -21.79 -11.44 5.75
C THR A 219 -21.85 -10.49 6.93
N THR A 220 -20.83 -10.56 7.79
CA THR A 220 -20.77 -9.74 8.98
C THR A 220 -20.88 -8.27 8.61
N THR A 221 -20.12 -7.86 7.61
CA THR A 221 -20.15 -6.46 7.20
C THR A 221 -21.50 -6.08 6.62
N LYS A 222 -22.06 -6.93 5.75
CA LYS A 222 -23.39 -6.70 5.18
C LYS A 222 -24.41 -6.49 6.30
N ALA A 223 -24.35 -7.34 7.32
CA ALA A 223 -25.26 -7.24 8.45
C ALA A 223 -25.12 -5.89 9.14
N VAL A 224 -23.91 -5.36 9.24
CA VAL A 224 -23.71 -4.03 9.82
C VAL A 224 -24.41 -2.97 8.97
N ALA A 225 -24.13 -2.99 7.67
CA ALA A 225 -24.84 -2.14 6.71
C ALA A 225 -26.36 -2.22 6.83
N ASP A 226 -26.89 -3.45 6.91
CA ASP A 226 -28.33 -3.68 7.03
C ASP A 226 -28.94 -3.06 8.27
N LEU A 227 -28.34 -3.33 9.42
CA LEU A 227 -28.86 -2.85 10.72
C LEU A 227 -28.88 -1.33 10.73
N ALA A 228 -27.72 -0.76 10.45
CA ALA A 228 -27.56 0.69 10.42
C ALA A 228 -28.65 1.34 9.59
N GLU A 229 -28.78 0.91 8.35
CA GLU A 229 -29.74 1.54 7.44
C GLU A 229 -31.19 1.36 7.87
N SER A 230 -31.49 0.26 8.56
CA SER A 230 -32.82 0.07 9.17
C SER A 230 -33.10 1.10 10.26
N LEU A 231 -32.02 1.63 10.85
CA LEU A 231 -32.13 2.67 11.89
C LEU A 231 -32.17 4.09 11.33
N GLY A 232 -32.21 4.23 10.00
CA GLY A 232 -32.25 5.55 9.38
C GLY A 232 -30.88 6.11 9.06
N LEU A 233 -29.82 5.36 9.40
CA LEU A 233 -28.45 5.86 9.26
C LEU A 233 -28.01 5.88 7.79
N GLU A 234 -27.23 6.91 7.46
CA GLU A 234 -26.64 7.05 6.13
C GLU A 234 -25.26 6.43 6.17
N VAL A 235 -25.07 5.35 5.41
CA VAL A 235 -23.90 4.51 5.52
C VAL A 235 -22.99 4.68 4.31
N GLY A 236 -21.75 5.08 4.55
CA GLY A 236 -20.74 5.18 3.50
C GLY A 236 -19.87 3.95 3.52
N LEU A 237 -19.74 3.28 2.38
CA LEU A 237 -18.90 2.10 2.26
C LEU A 237 -17.75 2.42 1.33
N CYS A 238 -16.53 2.10 1.75
CA CYS A 238 -15.36 2.34 0.90
C CYS A 238 -14.17 1.42 1.17
N ALA A 239 -13.19 1.48 0.28
CA ALA A 239 -11.98 0.70 0.42
C ALA A 239 -10.82 1.44 -0.22
N PRO A 240 -9.58 1.05 0.11
CA PRO A 240 -8.43 1.81 -0.39
C PRO A 240 -8.20 1.73 -1.91
N THR A 241 -8.64 0.67 -2.56
CA THR A 241 -8.50 0.54 -4.03
C THR A 241 -9.86 0.52 -4.74
N GLY A 242 -9.82 0.72 -6.05
CA GLY A 242 -11.01 0.63 -6.85
C GLY A 242 -11.57 -0.78 -6.86
N LYS A 243 -10.69 -1.76 -7.06
CA LYS A 243 -11.11 -3.16 -7.09
C LYS A 243 -11.73 -3.58 -5.76
N ALA A 244 -11.06 -3.25 -4.65
CA ALA A 244 -11.56 -3.57 -3.32
C ALA A 244 -12.94 -2.95 -3.09
N ALA A 245 -13.05 -1.66 -3.41
CA ALA A 245 -14.33 -0.93 -3.38
C ALA A 245 -15.42 -1.63 -4.21
N ARG A 246 -15.07 -2.01 -5.43
CA ARG A 246 -16.02 -2.70 -6.31
C ARG A 246 -16.52 -3.99 -5.67
N ARG A 247 -15.63 -4.69 -4.97
CA ARG A 247 -15.98 -5.95 -4.34
C ARG A 247 -16.85 -5.72 -3.10
N LEU A 248 -16.51 -4.72 -2.29
CA LEU A 248 -17.28 -4.39 -1.08
C LEU A 248 -18.74 -4.22 -1.49
N GLY A 249 -18.96 -3.32 -2.46
CA GLY A 249 -20.26 -3.07 -3.05
C GLY A 249 -20.96 -4.34 -3.48
N GLU A 250 -20.23 -5.22 -4.17
CA GLU A 250 -20.78 -6.49 -4.66
C GLU A 250 -21.34 -7.38 -3.56
N VAL A 251 -20.55 -7.56 -2.50
CA VAL A 251 -20.96 -8.42 -1.38
C VAL A 251 -21.96 -7.74 -0.43
N THR A 252 -22.03 -6.42 -0.50
CA THR A 252 -22.92 -5.62 0.34
C THR A 252 -24.24 -5.31 -0.35
N GLY A 253 -24.26 -5.41 -1.68
CA GLY A 253 -25.43 -5.08 -2.48
C GLY A 253 -25.67 -3.57 -2.54
N ARG A 254 -24.60 -2.81 -2.42
CA ARG A 254 -24.69 -1.36 -2.31
C ARG A 254 -23.60 -0.68 -3.11
N THR A 255 -23.74 0.63 -3.27
CA THR A 255 -22.70 1.46 -3.88
C THR A 255 -21.55 1.66 -2.91
N ALA A 256 -20.43 1.02 -3.19
CA ALA A 256 -19.17 1.22 -2.45
C ALA A 256 -18.19 1.96 -3.36
N SER A 257 -17.27 2.73 -2.77
CA SER A 257 -16.31 3.53 -3.56
C SER A 257 -14.92 3.61 -2.93
N THR A 258 -14.00 4.26 -3.63
CA THR A 258 -12.65 4.44 -3.11
C THR A 258 -12.71 5.39 -1.93
N VAL A 259 -11.75 5.26 -1.01
CA VAL A 259 -11.65 6.18 0.12
C VAL A 259 -11.42 7.59 -0.39
N HIS A 260 -10.61 7.72 -1.43
CA HIS A 260 -10.38 9.00 -2.09
C HIS A 260 -11.66 9.64 -2.65
N ARG A 261 -12.46 8.87 -3.38
CA ARG A 261 -13.72 9.39 -3.94
C ARG A 261 -14.73 9.71 -2.84
N LEU A 262 -14.83 8.83 -1.84
CA LEU A 262 -15.72 9.08 -0.71
C LEU A 262 -15.34 10.35 0.06
N LEU A 263 -14.04 10.65 0.14
CA LEU A 263 -13.58 11.89 0.76
C LEU A 263 -13.47 13.06 -0.22
N GLY A 264 -14.10 12.90 -1.39
CA GLY A 264 -14.17 13.96 -2.39
C GLY A 264 -12.84 14.43 -2.92
N TYR A 265 -11.91 13.51 -3.12
CA TYR A 265 -10.58 13.85 -3.61
C TYR A 265 -10.65 14.51 -4.98
N GLY A 266 -9.74 15.47 -5.19
CA GLY A 266 -9.50 16.08 -6.48
C GLY A 266 -8.12 16.72 -6.48
N PRO A 267 -7.78 17.45 -7.56
CA PRO A 267 -6.54 18.24 -7.58
C PRO A 267 -6.48 19.25 -6.44
N GLN A 268 -7.65 19.75 -6.04
CA GLN A 268 -7.74 20.75 -4.97
C GLN A 268 -7.59 20.14 -3.56
N GLY A 269 -7.40 18.82 -3.48
CA GLY A 269 -7.21 18.12 -2.21
C GLY A 269 -8.39 17.22 -1.89
N PHE A 270 -8.51 16.83 -0.63
CA PHE A 270 -9.72 16.15 -0.16
C PHE A 270 -10.77 17.19 0.19
N ARG A 271 -11.95 17.10 -0.42
CA ARG A 271 -13.07 17.99 -0.13
C ARG A 271 -13.55 17.82 1.32
N HIS A 272 -13.60 16.59 1.80
CA HIS A 272 -14.12 16.32 3.13
C HIS A 272 -13.05 16.27 4.22
N ASN A 273 -13.38 16.86 5.36
CA ASN A 273 -12.46 17.03 6.48
C ASN A 273 -13.26 17.50 7.70
N HIS A 274 -12.58 18.01 8.74
CA HIS A 274 -13.29 18.55 9.90
C HIS A 274 -14.26 19.68 9.53
N LEU A 275 -13.93 20.46 8.50
CA LEU A 275 -14.78 21.59 8.06
C LEU A 275 -16.03 21.12 7.33
N GLU A 276 -15.87 20.10 6.49
CA GLU A 276 -17.02 19.49 5.81
C GLU A 276 -16.91 17.97 5.89
N PRO A 277 -17.35 17.38 7.02
CA PRO A 277 -17.25 15.94 7.21
C PRO A 277 -17.98 15.15 6.13
N ALA A 278 -17.55 13.91 5.90
CA ALA A 278 -18.30 13.02 5.02
C ALA A 278 -19.71 12.83 5.60
N PRO A 279 -20.76 13.10 4.79
CA PRO A 279 -22.11 13.04 5.36
C PRO A 279 -22.57 11.59 5.57
N TYR A 280 -22.01 10.92 6.57
CA TYR A 280 -22.35 9.53 6.89
C TYR A 280 -22.35 9.28 8.39
N ASP A 281 -23.45 8.73 8.88
CA ASP A 281 -23.59 8.39 10.29
C ASP A 281 -22.69 7.21 10.65
N LEU A 282 -22.39 6.37 9.66
CA LEU A 282 -21.47 5.26 9.83
C LEU A 282 -20.63 5.08 8.56
N LEU A 283 -19.32 4.89 8.76
CA LEU A 283 -18.40 4.56 7.68
C LEU A 283 -17.91 3.11 7.82
N ILE A 284 -18.00 2.35 6.73
CA ILE A 284 -17.47 0.99 6.69
C ILE A 284 -16.30 0.97 5.75
N VAL A 285 -15.11 0.72 6.28
CA VAL A 285 -13.92 0.65 5.48
C VAL A 285 -13.42 -0.78 5.48
N ASP A 286 -13.34 -1.38 4.29
CA ASP A 286 -12.84 -2.74 4.12
C ASP A 286 -11.41 -2.67 3.59
N GLU A 287 -10.69 -3.78 3.71
CA GLU A 287 -9.29 -3.90 3.32
C GLU A 287 -8.40 -2.82 3.93
N VAL A 288 -8.58 -2.54 5.21
CA VAL A 288 -7.80 -1.51 5.89
C VAL A 288 -6.33 -1.90 6.05
N SER A 289 -6.01 -3.18 5.82
CA SER A 289 -4.62 -3.63 5.88
C SER A 289 -3.74 -2.88 4.90
N MET A 290 -4.32 -2.38 3.81
CA MET A 290 -3.59 -1.65 2.79
C MET A 290 -3.40 -0.18 3.12
N MET A 291 -4.09 0.31 4.15
CA MET A 291 -4.04 1.72 4.49
C MET A 291 -2.82 2.11 5.33
N GLY A 292 -2.13 3.13 4.86
CA GLY A 292 -1.09 3.80 5.65
C GLY A 292 -1.67 4.89 6.51
N ASP A 293 -0.80 5.46 7.36
CA ASP A 293 -1.20 6.53 8.29
C ASP A 293 -1.83 7.70 7.56
N ALA A 294 -1.18 8.18 6.52
CA ALA A 294 -1.65 9.38 5.85
C ALA A 294 -3.12 9.27 5.45
N LEU A 295 -3.49 8.22 4.72
CA LEU A 295 -4.87 8.03 4.30
C LEU A 295 -5.79 7.80 5.50
N MET A 296 -5.30 7.11 6.54
CA MET A 296 -6.14 6.89 7.70
C MET A 296 -6.48 8.25 8.32
N LEU A 297 -5.46 9.08 8.47
CA LEU A 297 -5.63 10.46 8.97
C LEU A 297 -6.70 11.21 8.19
N SER A 298 -6.62 11.14 6.87
CA SER A 298 -7.56 11.84 5.98
C SER A 298 -8.98 11.36 6.22
N LEU A 299 -9.14 10.06 6.35
CA LEU A 299 -10.46 9.47 6.55
C LEU A 299 -11.06 9.90 7.88
N LEU A 300 -10.30 9.71 8.95
CA LEU A 300 -10.79 9.99 10.29
C LEU A 300 -11.01 11.49 10.50
N ALA A 301 -10.23 12.31 9.82
CA ALA A 301 -10.41 13.75 9.89
C ALA A 301 -11.80 14.13 9.38
N ALA A 302 -12.32 13.34 8.45
CA ALA A 302 -13.61 13.60 7.82
C ALA A 302 -14.82 12.98 8.54
N VAL A 303 -14.62 12.28 9.65
CA VAL A 303 -15.73 11.60 10.32
C VAL A 303 -16.55 12.60 11.13
N PRO A 304 -17.85 12.71 10.84
CA PRO A 304 -18.66 13.69 11.59
C PRO A 304 -18.59 13.48 13.10
N PRO A 305 -18.70 14.56 13.89
CA PRO A 305 -18.78 14.39 15.33
C PRO A 305 -19.88 13.41 15.70
N GLY A 306 -19.55 12.43 16.54
CA GLY A 306 -20.51 11.43 16.97
C GLY A 306 -20.75 10.28 15.99
N ALA A 307 -20.28 10.41 14.76
CA ALA A 307 -20.50 9.39 13.73
C ALA A 307 -19.64 8.16 13.98
N ARG A 308 -20.03 7.05 13.39
CA ARG A 308 -19.34 5.78 13.59
C ARG A 308 -18.39 5.39 12.44
N VAL A 309 -17.42 4.54 12.75
CA VAL A 309 -16.50 3.93 11.77
C VAL A 309 -16.27 2.45 12.08
N LEU A 310 -16.46 1.61 11.08
CA LEU A 310 -16.05 0.20 11.13
C LEU A 310 -14.84 0.02 10.22
N LEU A 311 -13.74 -0.50 10.77
CA LEU A 311 -12.57 -0.76 9.95
C LEU A 311 -12.48 -2.26 9.82
N VAL A 312 -12.38 -2.76 8.60
CA VAL A 312 -12.26 -4.20 8.41
C VAL A 312 -11.07 -4.52 7.52
N GLY A 313 -10.31 -5.52 7.95
CA GLY A 313 -9.14 -5.96 7.21
C GLY A 313 -8.62 -7.28 7.72
N ASP A 314 -7.51 -7.73 7.16
CA ASP A 314 -6.85 -8.94 7.61
C ASP A 314 -5.41 -8.59 7.86
N THR A 315 -5.03 -8.59 9.14
CA THR A 315 -3.73 -8.13 9.59
C THR A 315 -2.58 -9.03 9.14
N ASP A 316 -2.90 -10.22 8.68
CA ASP A 316 -1.87 -11.12 8.19
C ASP A 316 -1.54 -10.91 6.70
N GLN A 317 -2.37 -10.15 6.00
CA GLN A 317 -2.05 -9.77 4.62
C GLN A 317 -0.86 -8.83 4.59
N LEU A 318 -0.31 -8.61 3.41
CA LEU A 318 0.75 -7.63 3.21
C LEU A 318 0.47 -6.33 3.96
N PRO A 319 1.53 -5.68 4.47
CA PRO A 319 1.36 -4.37 5.07
C PRO A 319 1.17 -3.32 3.99
N PRO A 320 0.85 -2.08 4.39
CA PRO A 320 0.67 -1.04 3.38
C PRO A 320 1.98 -0.71 2.66
N VAL A 321 1.92 -0.32 1.40
CA VAL A 321 3.13 0.17 0.72
C VAL A 321 3.57 1.49 1.37
N ASP A 322 2.60 2.36 1.64
CA ASP A 322 2.88 3.64 2.29
C ASP A 322 3.27 3.40 3.76
N ALA A 323 3.74 4.45 4.43
CA ALA A 323 4.32 4.33 5.77
C ALA A 323 3.24 4.18 6.85
N GLY A 324 3.59 3.49 7.94
CA GLY A 324 2.67 3.25 9.06
C GLY A 324 2.06 1.85 9.09
N LEU A 325 1.47 1.50 10.22
CA LEU A 325 0.72 0.25 10.38
C LEU A 325 -0.54 0.52 11.22
N PRO A 326 -1.38 1.45 10.77
CA PRO A 326 -2.49 1.94 11.60
C PRO A 326 -3.56 0.89 11.92
N LEU A 327 -3.85 -0.02 11.00
CA LEU A 327 -4.76 -1.12 11.30
C LEU A 327 -4.17 -1.96 12.41
N LEU A 328 -2.86 -2.24 12.34
CA LEU A 328 -2.21 -3.05 13.36
C LEU A 328 -2.21 -2.35 14.72
N ALA A 329 -1.96 -1.04 14.72
CA ALA A 329 -2.02 -0.24 15.94
C ALA A 329 -3.44 -0.23 16.50
N LEU A 330 -4.42 -0.09 15.61
CA LEU A 330 -5.81 0.04 16.04
C LEU A 330 -6.35 -1.29 16.54
N ALA A 331 -5.86 -2.38 15.97
CA ALA A 331 -6.24 -3.72 16.40
C ALA A 331 -5.84 -3.97 17.84
N GLN A 332 -4.86 -3.21 18.32
CA GLN A 332 -4.38 -3.30 19.70
C GLN A 332 -4.97 -2.24 20.61
N ALA A 333 -5.58 -1.20 20.06
CA ALA A 333 -6.06 -0.08 20.86
C ALA A 333 -7.59 0.07 20.86
N ALA A 334 -8.25 -0.26 19.74
CA ALA A 334 -9.70 -0.12 19.63
C ALA A 334 -10.42 -1.41 20.01
N PRO A 335 -11.73 -1.30 20.31
CA PRO A 335 -12.58 -2.49 20.34
C PRO A 335 -12.43 -3.20 19.01
N THR A 336 -11.89 -4.41 19.04
CA THR A 336 -11.72 -5.13 17.81
C THR A 336 -12.29 -6.52 17.98
N ILE A 337 -13.09 -6.95 17.01
CA ILE A 337 -13.57 -8.31 16.94
C ILE A 337 -12.66 -9.06 16.00
N LYS A 338 -11.95 -10.03 16.55
CA LYS A 338 -11.07 -10.88 15.78
C LYS A 338 -11.80 -12.20 15.48
N LEU A 339 -12.25 -12.37 14.24
CA LEU A 339 -12.99 -13.60 13.87
C LEU A 339 -12.02 -14.74 13.57
N THR A 340 -12.35 -15.94 14.04
CA THR A 340 -11.42 -17.07 14.07
C THR A 340 -12.01 -18.40 13.54
N GLN A 341 -13.26 -18.69 13.88
CA GLN A 341 -13.88 -19.91 13.39
C GLN A 341 -13.92 -19.90 11.87
N VAL A 342 -13.38 -20.94 11.24
CA VAL A 342 -13.49 -21.14 9.79
C VAL A 342 -14.70 -21.98 9.46
N TYR A 343 -15.37 -21.65 8.36
CA TYR A 343 -16.55 -22.40 7.92
C TYR A 343 -16.20 -23.87 7.65
N ARG A 344 -16.84 -24.76 8.39
CA ARG A 344 -16.59 -26.20 8.35
C ARG A 344 -16.30 -26.72 6.93
N GLN A 345 -17.11 -26.30 5.97
CA GLN A 345 -16.85 -26.63 4.56
C GLN A 345 -15.44 -26.23 4.17
N ALA A 346 -15.12 -24.95 4.37
CA ALA A 346 -13.80 -24.40 4.03
C ALA A 346 -12.70 -24.76 5.04
N ALA A 347 -13.08 -25.44 6.13
CA ALA A 347 -12.12 -25.96 7.11
C ALA A 347 -11.24 -27.06 6.53
N LYS A 348 -11.74 -27.73 5.49
CA LYS A 348 -11.02 -28.84 4.84
C LYS A 348 -9.95 -28.38 3.86
N ASN A 349 -10.14 -27.19 3.28
CA ASN A 349 -9.34 -26.75 2.13
C ASN A 349 -7.84 -26.78 2.40
N PRO A 350 -7.07 -27.53 1.59
CA PRO A 350 -5.63 -27.69 1.85
C PRO A 350 -4.89 -26.36 1.86
N ILE A 351 -5.38 -25.42 1.05
CA ILE A 351 -4.81 -24.08 0.97
C ILE A 351 -5.10 -23.32 2.28
N ILE A 352 -6.35 -23.34 2.74
CA ILE A 352 -6.70 -22.69 4.00
C ILE A 352 -5.80 -23.24 5.12
N GLN A 353 -5.58 -24.55 5.09
CA GLN A 353 -4.71 -25.21 6.05
C GLN A 353 -3.24 -24.75 5.95
N ALA A 354 -2.72 -24.65 4.72
CA ALA A 354 -1.33 -24.19 4.52
C ALA A 354 -1.16 -22.73 4.94
N ALA A 355 -2.18 -21.92 4.70
CA ALA A 355 -2.21 -20.53 5.17
C ALA A 355 -2.14 -20.40 6.69
N HIS A 356 -2.85 -21.28 7.40
CA HIS A 356 -2.85 -21.25 8.85
C HIS A 356 -1.52 -21.76 9.42
N GLY A 357 -0.88 -22.66 8.70
CA GLY A 357 0.46 -23.13 9.08
C GLY A 357 1.46 -22.00 9.04
N LEU A 358 1.38 -21.18 7.99
CA LEU A 358 2.22 -19.99 7.87
C LEU A 358 2.15 -19.16 9.12
N LEU A 359 0.96 -19.03 9.70
CA LEU A 359 0.78 -18.23 10.93
C LEU A 359 1.49 -18.83 12.15
N HIS A 360 1.83 -20.11 12.08
CA HIS A 360 2.62 -20.75 13.13
C HIS A 360 4.07 -20.94 12.68
N GLY A 361 4.44 -20.35 11.56
CA GLY A 361 5.81 -20.39 11.08
C GLY A 361 6.22 -21.62 10.30
N GLU A 362 5.27 -22.45 9.90
CA GLU A 362 5.56 -23.64 9.08
C GLU A 362 5.28 -23.38 7.60
N ALA A 363 6.13 -23.94 6.74
CA ALA A 363 5.90 -23.98 5.31
C ALA A 363 4.87 -25.08 5.01
N PRO A 364 4.22 -25.03 3.83
CA PRO A 364 3.13 -25.94 3.53
C PRO A 364 3.57 -27.39 3.35
N ALA A 365 2.69 -28.32 3.72
CA ALA A 365 2.92 -29.74 3.52
C ALA A 365 2.67 -30.09 2.06
N TRP A 366 3.66 -29.80 1.20
CA TRP A 366 3.53 -30.04 -0.24
C TRP A 366 3.43 -31.54 -0.52
N GLY A 367 2.83 -31.86 -1.66
CA GLY A 367 2.65 -33.24 -2.10
C GLY A 367 1.19 -33.62 -2.22
N ASP A 368 0.42 -32.73 -2.83
CA ASP A 368 -1.02 -32.93 -2.98
C ASP A 368 -1.44 -32.47 -4.37
N LYS A 369 -2.46 -33.12 -4.91
CA LYS A 369 -2.99 -32.80 -6.24
C LYS A 369 -3.52 -31.36 -6.34
N ARG A 370 -3.75 -30.71 -5.20
CA ARG A 370 -4.28 -29.34 -5.15
C ARG A 370 -3.29 -28.32 -4.53
N LEU A 371 -2.26 -28.83 -3.85
CA LEU A 371 -1.22 -28.00 -3.28
C LEU A 371 0.13 -28.72 -3.37
N ASN A 372 0.99 -28.29 -4.32
CA ASN A 372 2.29 -28.91 -4.55
C ASN A 372 3.31 -27.95 -5.15
N LEU A 373 4.59 -28.21 -4.86
CA LEU A 373 5.69 -27.37 -5.34
C LEU A 373 6.54 -28.14 -6.35
N THR A 374 7.07 -27.40 -7.32
CA THR A 374 8.02 -27.96 -8.27
C THR A 374 9.33 -27.19 -8.15
N GLU A 375 10.42 -27.90 -7.86
CA GLU A 375 11.72 -27.25 -7.62
C GLU A 375 12.31 -26.74 -8.93
N ILE A 376 12.69 -25.47 -8.98
CA ILE A 376 13.38 -24.91 -10.16
C ILE A 376 14.50 -23.94 -9.78
N GLU A 377 15.40 -23.73 -10.73
CA GLU A 377 16.45 -22.73 -10.61
C GLU A 377 16.02 -21.47 -11.36
N PRO A 378 16.60 -20.32 -11.03
CA PRO A 378 16.34 -19.10 -11.82
C PRO A 378 16.81 -19.17 -13.31
N ASP A 379 17.81 -19.98 -13.62
CA ASP A 379 18.26 -20.10 -15.01
C ASP A 379 17.29 -20.95 -15.84
N GLY A 380 16.62 -20.30 -16.79
CA GLY A 380 15.57 -20.97 -17.57
C GLY A 380 14.24 -21.12 -16.85
N GLY A 381 14.20 -20.74 -15.58
CA GLY A 381 12.99 -20.92 -14.74
C GLY A 381 11.72 -20.40 -15.37
N ALA A 382 11.76 -19.16 -15.85
CA ALA A 382 10.62 -18.51 -16.49
C ALA A 382 10.05 -19.39 -17.61
N ARG A 383 10.92 -19.80 -18.53
CA ARG A 383 10.50 -20.72 -19.60
C ARG A 383 9.81 -21.93 -18.99
N ARG A 384 10.37 -22.46 -17.90
CA ARG A 384 9.82 -23.65 -17.27
C ARG A 384 8.41 -23.38 -16.71
N VAL A 385 8.25 -22.24 -16.05
CA VAL A 385 6.97 -21.86 -15.50
C VAL A 385 5.90 -21.83 -16.60
N ALA A 386 6.29 -21.45 -17.82
CA ALA A 386 5.34 -21.40 -18.92
C ALA A 386 4.89 -22.81 -19.28
N LEU A 387 5.84 -23.73 -19.40
CA LEU A 387 5.55 -25.14 -19.62
C LEU A 387 4.64 -25.68 -18.52
N MET A 388 4.91 -25.30 -17.27
CA MET A 388 4.06 -25.70 -16.15
C MET A 388 2.62 -25.22 -16.35
N VAL A 389 2.49 -23.98 -16.77
CA VAL A 389 1.16 -23.40 -16.99
C VAL A 389 0.44 -24.16 -18.08
N ARG A 390 1.17 -24.55 -19.13
CA ARG A 390 0.62 -25.39 -20.20
C ARG A 390 0.16 -26.76 -19.67
N GLU A 391 0.98 -27.37 -18.81
CA GLU A 391 0.62 -28.61 -18.13
C GLU A 391 -0.67 -28.44 -17.34
N LEU A 392 -0.80 -27.35 -16.60
CA LEU A 392 -2.03 -27.07 -15.86
C LEU A 392 -3.18 -26.63 -16.77
N GLY A 393 -2.87 -26.21 -18.00
CA GLY A 393 -3.88 -26.08 -19.05
C GLY A 393 -4.05 -24.70 -19.66
N GLY A 394 -3.06 -23.84 -19.51
CA GLY A 394 -3.10 -22.51 -20.12
C GLY A 394 -3.47 -21.43 -19.13
N PRO A 395 -3.14 -20.17 -19.46
CA PRO A 395 -3.28 -19.01 -18.57
C PRO A 395 -4.72 -18.62 -18.30
N GLY A 396 -5.63 -19.03 -19.18
CA GLY A 396 -7.06 -18.92 -18.90
C GLY A 396 -7.41 -19.80 -17.71
N ALA A 397 -6.63 -20.87 -17.53
CA ALA A 397 -6.83 -21.84 -16.44
C ALA A 397 -6.00 -21.55 -15.18
N VAL A 398 -4.93 -20.77 -15.28
CA VAL A 398 -4.09 -20.48 -14.09
C VAL A 398 -3.52 -19.06 -14.08
N GLN A 399 -3.49 -18.47 -12.90
CA GLN A 399 -2.91 -17.14 -12.71
C GLN A 399 -1.53 -17.30 -12.09
N VAL A 400 -0.52 -16.72 -12.74
CA VAL A 400 0.84 -16.76 -12.23
C VAL A 400 1.13 -15.55 -11.34
N LEU A 401 1.74 -15.80 -10.19
CA LEU A 401 2.10 -14.73 -9.26
C LEU A 401 3.57 -14.81 -8.89
N THR A 402 4.14 -13.67 -8.50
CA THR A 402 5.56 -13.58 -8.15
C THR A 402 5.78 -12.38 -7.23
N PRO A 403 6.70 -12.49 -6.26
CA PRO A 403 7.00 -11.36 -5.40
C PRO A 403 7.56 -10.11 -6.10
N MET A 404 8.36 -10.29 -7.14
CA MET A 404 9.10 -9.18 -7.72
C MET A 404 8.76 -8.95 -9.18
N ARG A 405 9.02 -7.74 -9.67
CA ARG A 405 8.84 -7.40 -11.10
C ARG A 405 10.07 -7.76 -11.93
N LYS A 406 11.22 -7.55 -11.32
CA LYS A 406 12.48 -7.56 -12.04
C LYS A 406 13.16 -8.89 -11.84
N GLY A 407 14.16 -9.16 -12.67
CA GLY A 407 14.96 -10.37 -12.53
C GLY A 407 14.31 -11.59 -13.17
N PRO A 408 15.06 -12.70 -13.21
CA PRO A 408 14.74 -13.93 -13.92
C PRO A 408 13.43 -14.61 -13.50
N LEU A 409 13.03 -14.45 -12.24
CA LEU A 409 11.78 -15.04 -11.77
C LEU A 409 10.75 -13.96 -11.44
N GLY A 410 10.85 -12.85 -12.15
CA GLY A 410 10.01 -11.69 -11.86
C GLY A 410 8.94 -11.49 -12.90
N MET A 411 8.04 -10.54 -12.64
CA MET A 411 6.89 -10.31 -13.51
C MET A 411 7.22 -10.00 -14.99
N ASP A 412 8.15 -9.09 -15.26
CA ASP A 412 8.45 -8.72 -16.66
C ASP A 412 8.93 -9.94 -17.46
N HIS A 413 9.86 -10.69 -16.88
CA HIS A 413 10.46 -11.81 -17.56
C HIS A 413 9.51 -13.00 -17.65
N LEU A 414 8.58 -13.11 -16.69
CA LEU A 414 7.60 -14.20 -16.70
C LEU A 414 6.54 -13.94 -17.76
N ASN A 415 6.06 -12.70 -17.87
CA ASN A 415 5.17 -12.32 -18.96
C ASN A 415 5.80 -12.59 -20.33
N TYR A 416 7.04 -12.14 -20.49
CA TYR A 416 7.76 -12.33 -21.73
C TYR A 416 7.74 -13.78 -22.19
N HIS A 417 8.08 -14.69 -21.29
CA HIS A 417 8.07 -16.12 -21.62
C HIS A 417 6.67 -16.67 -21.88
N LEU A 418 5.71 -16.26 -21.07
CA LEU A 418 4.33 -16.74 -21.22
C LEU A 418 3.74 -16.38 -22.60
N GLN A 419 3.87 -15.10 -22.96
CA GLN A 419 3.47 -14.60 -24.26
C GLN A 419 4.11 -15.43 -25.38
N ALA A 420 5.41 -15.68 -25.28
CA ALA A 420 6.13 -16.44 -26.30
C ALA A 420 5.61 -17.87 -26.46
N LEU A 421 5.14 -18.46 -25.36
CA LEU A 421 4.69 -19.85 -25.36
C LEU A 421 3.28 -19.99 -25.94
N PHE A 422 2.39 -19.09 -25.54
CA PHE A 422 0.98 -19.19 -25.89
C PHE A 422 0.56 -18.23 -27.01
N ASN A 423 1.26 -17.11 -27.17
CA ASN A 423 0.97 -16.19 -28.26
C ASN A 423 2.23 -15.69 -29.01
N PRO A 424 2.93 -16.61 -29.72
CA PRO A 424 4.04 -16.18 -30.57
C PRO A 424 3.58 -15.20 -31.65
N GLY A 425 4.33 -14.12 -31.85
CA GLY A 425 3.92 -13.07 -32.77
C GLY A 425 5.05 -12.08 -33.06
N GLU A 426 4.88 -11.34 -34.16
CA GLU A 426 5.94 -10.49 -34.70
C GLU A 426 5.88 -9.07 -34.12
N GLY A 427 4.95 -8.27 -34.62
CA GLY A 427 4.94 -6.83 -34.39
C GLY A 427 3.71 -6.31 -33.69
N GLY A 428 3.84 -6.04 -32.39
CA GLY A 428 2.79 -5.40 -31.60
C GLY A 428 3.08 -3.94 -31.33
N VAL A 429 2.30 -3.34 -30.44
CA VAL A 429 2.45 -1.94 -30.06
C VAL A 429 2.95 -1.84 -28.62
N ARG A 430 3.95 -0.98 -28.39
CA ARG A 430 4.68 -0.93 -27.12
C ARG A 430 3.86 -0.31 -25.98
N ILE A 431 3.91 -0.96 -24.82
CA ILE A 431 3.18 -0.53 -23.62
C ILE A 431 4.17 -0.47 -22.46
N ALA A 432 3.67 -0.49 -21.22
CA ALA A 432 4.52 -0.29 -20.02
C ALA A 432 5.89 -0.95 -20.11
N GLU A 433 5.91 -2.27 -20.24
CA GLU A 433 7.13 -3.01 -20.58
C GLU A 433 6.75 -4.06 -21.63
N GLY A 434 7.47 -4.09 -22.74
CA GLY A 434 7.13 -4.98 -23.85
C GLY A 434 6.01 -4.44 -24.73
N GLU A 435 5.35 -5.33 -25.46
CA GLU A 435 4.37 -4.93 -26.48
C GLU A 435 3.12 -5.80 -26.44
N ALA A 436 1.99 -5.20 -26.83
CA ALA A 436 0.71 -5.92 -26.87
C ALA A 436 0.34 -6.36 -28.29
N ARG A 437 -0.03 -7.63 -28.43
CA ARG A 437 -0.43 -8.23 -29.71
C ARG A 437 -1.78 -8.93 -29.53
N PRO A 438 -2.65 -8.91 -30.57
CA PRO A 438 -3.95 -9.58 -30.49
C PRO A 438 -3.93 -10.95 -29.81
N GLY A 439 -4.86 -11.18 -28.90
CA GLY A 439 -4.89 -12.41 -28.10
C GLY A 439 -4.21 -12.28 -26.73
N ASP A 440 -3.50 -11.18 -26.51
CA ASP A 440 -2.81 -10.99 -25.23
C ASP A 440 -3.76 -10.65 -24.08
N THR A 441 -3.56 -11.34 -22.95
CA THR A 441 -4.25 -11.02 -21.70
C THR A 441 -3.49 -9.92 -20.99
N VAL A 442 -4.04 -8.71 -20.97
CA VAL A 442 -3.39 -7.54 -20.38
C VAL A 442 -4.04 -7.12 -19.05
N VAL A 443 -3.31 -6.32 -18.28
CA VAL A 443 -3.75 -5.80 -16.99
C VAL A 443 -3.74 -4.27 -16.97
N GLN A 444 -4.88 -3.68 -16.59
CA GLN A 444 -5.01 -2.23 -16.44
C GLN A 444 -4.37 -1.81 -15.13
N THR A 445 -3.51 -0.80 -15.18
CA THR A 445 -2.67 -0.42 -14.02
C THR A 445 -3.06 0.92 -13.39
N LYS A 446 -4.07 1.59 -13.96
CA LYS A 446 -4.48 2.91 -13.49
C LYS A 446 -6.01 3.03 -13.56
N ASN A 447 -6.57 3.90 -12.73
CA ASN A 447 -8.00 4.12 -12.68
C ASN A 447 -8.40 5.30 -13.55
N ILE A 453 -11.92 -0.08 -17.02
CA ILE A 453 -11.96 1.18 -16.29
C ILE A 453 -10.77 1.29 -15.34
N PHE A 454 -10.65 0.32 -14.43
CA PHE A 454 -9.80 0.52 -13.24
C PHE A 454 -8.63 -0.46 -13.08
N ASN A 455 -7.77 -0.14 -12.12
CA ASN A 455 -6.49 -0.81 -11.87
C ASN A 455 -6.66 -2.20 -11.27
N GLY A 456 -5.95 -3.18 -11.85
CA GLY A 456 -5.97 -4.56 -11.37
C GLY A 456 -6.79 -5.52 -12.23
N THR A 457 -7.64 -4.95 -13.08
CA THR A 457 -8.59 -5.74 -13.87
C THR A 457 -7.97 -6.39 -15.11
N LEU A 458 -8.22 -7.68 -15.29
CA LEU A 458 -7.74 -8.44 -16.46
C LEU A 458 -8.65 -8.23 -17.68
N GLY A 459 -8.19 -8.65 -18.86
CA GLY A 459 -8.94 -8.47 -20.10
C GLY A 459 -8.47 -9.34 -21.24
N MET A 460 -8.63 -8.85 -22.48
CA MET A 460 -8.21 -9.57 -23.68
C MET A 460 -8.03 -8.61 -24.85
N VAL A 461 -6.84 -8.57 -25.44
CA VAL A 461 -6.54 -7.70 -26.58
C VAL A 461 -7.13 -8.29 -27.85
N LEU A 462 -7.80 -7.44 -28.62
CA LEU A 462 -8.46 -7.85 -29.86
C LEU A 462 -7.64 -7.44 -31.09
N LYS A 463 -7.00 -6.27 -31.04
CA LYS A 463 -6.24 -5.75 -32.20
C LYS A 463 -5.29 -4.60 -31.81
N ALA A 464 -4.30 -4.36 -32.66
CA ALA A 464 -3.39 -3.21 -32.54
C ALA A 464 -3.17 -2.50 -33.90
N GLU A 465 -2.23 -1.57 -33.92
CA GLU A 465 -1.82 -0.80 -35.11
C GLU A 465 -0.66 0.12 -34.74
N GLY A 466 0.20 0.46 -35.70
CA GLY A 466 1.31 1.41 -35.50
C GLY A 466 1.54 1.88 -34.07
N ALA A 467 0.67 2.76 -33.58
CA ALA A 467 0.66 3.19 -32.17
C ALA A 467 -0.75 3.20 -31.55
N ARG A 468 -1.68 2.47 -32.17
CA ARG A 468 -3.08 2.41 -31.75
C ARG A 468 -3.41 0.98 -31.30
N LEU A 469 -4.21 0.85 -30.24
CA LEU A 469 -4.50 -0.45 -29.62
C LEU A 469 -5.94 -0.55 -29.16
N THR A 470 -6.62 -1.64 -29.52
CA THR A 470 -8.00 -1.86 -29.08
C THR A 470 -8.14 -3.20 -28.36
N VAL A 471 -8.74 -3.14 -27.17
CA VAL A 471 -8.86 -4.28 -26.26
C VAL A 471 -10.26 -4.29 -25.66
N ASP A 472 -10.66 -5.43 -25.09
CA ASP A 472 -11.91 -5.53 -24.33
C ASP A 472 -11.63 -5.78 -22.86
N ASN A 476 -16.57 -5.40 -21.77
CA ASN A 476 -16.14 -4.01 -21.86
C ASN A 476 -15.20 -3.80 -23.05
N VAL A 477 -15.25 -2.61 -23.67
CA VAL A 477 -14.56 -2.35 -24.94
C VAL A 477 -14.07 -0.90 -25.17
N VAL A 478 -12.77 -0.72 -25.40
CA VAL A 478 -12.20 0.63 -25.71
C VAL A 478 -10.83 0.60 -26.42
N GLU A 479 -10.42 1.76 -26.93
CA GLU A 479 -9.15 1.92 -27.67
C GLU A 479 -8.00 2.28 -26.74
N LEU A 480 -6.83 2.64 -27.30
CA LEU A 480 -5.63 2.93 -26.48
C LEU A 480 -4.76 4.08 -27.01
N THR A 481 -4.71 5.17 -26.26
CA THR A 481 -3.97 6.39 -26.64
C THR A 481 -2.51 6.34 -26.20
N GLY A 482 -1.66 7.08 -26.92
CA GLY A 482 -0.21 7.13 -26.68
C GLY A 482 0.22 7.33 -25.23
N ALA A 483 -0.46 8.24 -24.52
CA ALA A 483 -0.22 8.45 -23.09
C ALA A 483 -0.76 7.31 -22.24
N GLU A 484 -1.90 6.75 -22.68
CA GLU A 484 -2.53 5.60 -22.01
C GLU A 484 -1.74 4.30 -22.18
N LEU A 485 -0.89 4.23 -23.21
CA LEU A 485 -0.04 3.06 -23.45
C LEU A 485 0.79 2.74 -22.22
N PHE A 486 1.30 3.79 -21.57
CA PHE A 486 2.09 3.67 -20.34
C PHE A 486 1.31 2.97 -19.21
N ASN A 487 -0.02 3.07 -19.23
CA ASN A 487 -0.89 2.55 -18.17
C ASN A 487 -1.42 1.15 -18.45
N LEU A 488 -0.59 0.29 -19.05
CA LEU A 488 -0.99 -1.07 -19.44
C LEU A 488 0.19 -2.04 -19.60
N GLN A 489 0.03 -3.27 -19.10
CA GLN A 489 1.07 -4.30 -19.23
C GLN A 489 0.49 -5.71 -19.36
N LEU A 490 1.33 -6.67 -19.76
CA LEU A 490 0.88 -8.04 -19.97
C LEU A 490 0.44 -8.61 -18.63
N GLY A 491 -0.58 -9.46 -18.64
CA GLY A 491 -1.26 -9.87 -17.41
C GLY A 491 -1.10 -11.31 -17.01
N TYR A 492 -0.39 -12.08 -17.82
CA TYR A 492 -0.25 -13.51 -17.60
C TYR A 492 0.38 -13.80 -16.24
N ALA A 493 1.24 -12.91 -15.78
CA ALA A 493 1.83 -12.99 -14.45
C ALA A 493 1.69 -11.64 -13.77
N LEU A 494 1.38 -11.65 -12.47
CA LEU A 494 1.24 -10.44 -11.65
C LEU A 494 2.12 -10.53 -10.40
N THR A 495 2.37 -9.39 -9.75
CA THR A 495 3.11 -9.39 -8.50
C THR A 495 2.10 -9.71 -7.43
N VAL A 496 2.54 -10.38 -6.37
CA VAL A 496 1.64 -10.66 -5.26
C VAL A 496 0.99 -9.36 -4.78
N HIS A 497 1.74 -8.27 -4.76
CA HIS A 497 1.19 -6.97 -4.37
C HIS A 497 0.02 -6.54 -5.26
N ARG A 498 0.20 -6.68 -6.57
CA ARG A 498 -0.87 -6.32 -7.50
C ARG A 498 -2.08 -7.24 -7.35
N ALA A 499 -1.85 -8.49 -6.98
CA ALA A 499 -2.94 -9.47 -6.86
C ALA A 499 -3.78 -9.27 -5.58
N GLN A 500 -3.35 -8.40 -4.68
CA GLN A 500 -4.12 -8.13 -3.45
C GLN A 500 -5.59 -7.89 -3.75
N GLY A 501 -6.46 -8.49 -2.95
CA GLY A 501 -7.90 -8.34 -3.13
C GLY A 501 -8.55 -9.20 -4.21
N SER A 502 -7.77 -9.62 -5.20
CA SER A 502 -8.26 -10.50 -6.27
C SER A 502 -8.13 -11.98 -5.87
N GLU A 503 -8.93 -12.84 -6.51
CA GLU A 503 -8.93 -14.28 -6.22
C GLU A 503 -9.02 -15.10 -7.50
N TRP A 504 -8.36 -16.26 -7.53
CA TRP A 504 -8.52 -17.21 -8.65
C TRP A 504 -8.68 -18.64 -8.15
N GLY A 505 -9.36 -19.46 -8.96
CA GLY A 505 -9.51 -20.88 -8.69
C GLY A 505 -8.18 -21.60 -8.62
N THR A 506 -7.27 -21.27 -9.54
CA THR A 506 -5.93 -21.87 -9.57
C THR A 506 -4.82 -20.85 -9.83
N VAL A 507 -3.80 -20.87 -8.99
CA VAL A 507 -2.71 -19.92 -9.11
C VAL A 507 -1.37 -20.66 -9.06
N LEU A 508 -0.43 -20.20 -9.87
CA LEU A 508 0.93 -20.73 -9.87
C LEU A 508 1.82 -19.67 -9.25
N GLY A 509 2.35 -19.98 -8.06
CA GLY A 509 3.14 -19.03 -7.30
C GLY A 509 4.64 -19.28 -7.41
N VAL A 510 5.37 -18.31 -7.94
CA VAL A 510 6.82 -18.45 -8.07
C VAL A 510 7.48 -17.85 -6.83
N LEU A 511 8.31 -18.66 -6.15
CA LEU A 511 8.99 -18.26 -4.92
C LEU A 511 10.31 -18.98 -4.79
N HIS A 512 11.39 -18.22 -4.60
CA HIS A 512 12.74 -18.79 -4.63
C HIS A 512 13.70 -17.86 -3.88
N GLU A 513 14.87 -18.38 -3.50
CA GLU A 513 15.87 -17.53 -2.82
C GLU A 513 16.20 -16.28 -3.65
N ALA A 514 15.96 -16.33 -4.97
CA ALA A 514 16.16 -15.19 -5.84
C ALA A 514 15.27 -13.99 -5.44
N HIS A 515 14.19 -14.28 -4.74
CA HIS A 515 13.31 -13.24 -4.20
C HIS A 515 13.65 -12.87 -2.75
N MET A 516 14.88 -13.14 -2.31
CA MET A 516 15.25 -13.04 -0.90
C MET A 516 14.61 -11.89 -0.11
N PRO A 517 14.87 -10.62 -0.49
CA PRO A 517 14.35 -9.55 0.36
C PRO A 517 12.82 -9.49 0.54
N MET A 518 12.07 -10.17 -0.33
CA MET A 518 10.61 -10.20 -0.24
C MET A 518 10.09 -11.37 0.57
N LEU A 519 10.97 -12.28 1.00
CA LEU A 519 10.52 -13.52 1.64
C LEU A 519 10.14 -13.25 3.08
N SER A 520 8.87 -12.99 3.32
CA SER A 520 8.35 -12.79 4.68
C SER A 520 7.03 -13.50 4.78
N ARG A 521 6.51 -13.58 6.00
CA ARG A 521 5.28 -14.32 6.24
C ARG A 521 4.09 -13.71 5.53
N ASN A 522 3.99 -12.39 5.57
CA ASN A 522 2.80 -11.72 5.06
C ASN A 522 2.69 -11.86 3.56
N LEU A 523 3.83 -11.82 2.88
CA LEU A 523 3.88 -11.96 1.44
C LEU A 523 3.34 -13.31 1.00
N VAL A 524 3.91 -14.38 1.55
CA VAL A 524 3.44 -15.72 1.24
C VAL A 524 1.98 -15.92 1.66
N TYR A 525 1.58 -15.33 2.77
CA TYR A 525 0.19 -15.43 3.20
C TYR A 525 -0.75 -14.86 2.15
N THR A 526 -0.51 -13.62 1.74
CA THR A 526 -1.35 -13.01 0.70
C THR A 526 -1.37 -13.88 -0.56
N ALA A 527 -0.21 -14.32 -1.01
CA ALA A 527 -0.12 -15.17 -2.21
C ALA A 527 -1.00 -16.41 -2.06
N LEU A 528 -0.78 -17.16 -0.99
CA LEU A 528 -1.54 -18.38 -0.71
C LEU A 528 -3.04 -18.09 -0.75
N THR A 529 -3.47 -17.01 -0.09
CA THR A 529 -4.88 -16.66 -0.02
C THR A 529 -5.50 -16.17 -1.34
N ARG A 530 -4.70 -15.99 -2.39
CA ARG A 530 -5.25 -15.68 -3.73
C ARG A 530 -5.90 -16.90 -4.41
N ALA A 531 -5.61 -18.10 -3.90
CA ALA A 531 -6.06 -19.33 -4.54
C ALA A 531 -7.29 -19.90 -3.82
N ARG A 532 -8.36 -20.12 -4.57
CA ARG A 532 -9.59 -20.68 -4.03
C ARG A 532 -9.56 -22.22 -4.02
N ASP A 533 -9.14 -22.82 -5.14
CA ASP A 533 -9.23 -24.28 -5.30
C ASP A 533 -7.88 -24.99 -5.28
N ARG A 534 -6.91 -24.48 -6.03
CA ARG A 534 -5.58 -25.10 -6.12
C ARG A 534 -4.46 -24.08 -6.06
N PHE A 535 -3.35 -24.45 -5.42
CA PHE A 535 -2.15 -23.60 -5.39
C PHE A 535 -0.89 -24.41 -5.64
N PHE A 536 -0.21 -24.13 -6.75
CA PHE A 536 1.05 -24.76 -7.07
C PHE A 536 2.17 -23.75 -6.96
N SER A 537 3.29 -24.16 -6.36
CA SER A 537 4.47 -23.30 -6.33
C SER A 537 5.56 -23.74 -7.30
N ALA A 538 6.31 -22.77 -7.78
CA ALA A 538 7.49 -23.02 -8.57
C ALA A 538 8.65 -22.29 -7.94
N GLY A 539 9.69 -23.02 -7.59
CA GLY A 539 10.88 -22.40 -7.00
C GLY A 539 11.61 -23.35 -6.10
N SER A 540 11.63 -23.03 -4.82
CA SER A 540 12.24 -23.92 -3.85
C SER A 540 11.39 -24.04 -2.60
N ALA A 541 11.49 -25.20 -1.96
CA ALA A 541 10.80 -25.46 -0.71
C ALA A 541 11.49 -24.69 0.40
N SER A 542 12.81 -24.51 0.29
CA SER A 542 13.59 -23.73 1.26
C SER A 542 13.17 -22.25 1.26
N ALA A 543 12.84 -21.72 0.09
CA ALA A 543 12.38 -20.34 0.00
C ALA A 543 11.11 -20.15 0.83
N TRP A 544 10.26 -21.18 0.88
CA TRP A 544 9.03 -21.12 1.68
C TRP A 544 9.29 -21.21 3.17
N GLN A 545 10.28 -22.03 3.55
CA GLN A 545 10.68 -22.15 4.95
C GLN A 545 11.20 -20.83 5.50
N ILE A 546 11.90 -20.07 4.67
CA ILE A 546 12.39 -18.76 5.04
C ILE A 546 11.21 -17.80 5.19
N ALA A 547 10.32 -17.76 4.21
CA ALA A 547 9.19 -16.82 4.23
C ALA A 547 8.28 -17.09 5.44
N ALA A 548 8.04 -18.36 5.71
CA ALA A 548 7.19 -18.78 6.84
C ALA A 548 7.79 -18.36 8.16
N ALA A 549 9.10 -18.55 8.30
CA ALA A 549 9.81 -18.24 9.52
C ALA A 549 9.93 -16.73 9.78
N ARG A 550 9.94 -15.93 8.72
CA ARG A 550 10.39 -14.55 8.82
C ARG A 550 9.22 -13.57 8.90
N GLN A 551 9.13 -12.83 9.99
CA GLN A 551 8.14 -11.74 10.07
C GLN A 551 8.47 -10.65 9.06
N ARG A 552 7.47 -9.85 8.71
CA ARG A 552 7.71 -8.76 7.76
C ARG A 552 8.68 -7.74 8.38
N GLU A 553 9.41 -7.05 7.51
CA GLU A 553 10.37 -6.02 7.95
C GLU A 553 9.71 -5.08 8.97
N ALA A 554 10.41 -4.83 10.06
CA ALA A 554 9.92 -3.97 11.13
C ALA A 554 9.75 -2.56 10.60
N ARG A 555 8.71 -1.88 11.11
CA ARG A 555 8.45 -0.49 10.80
C ARG A 555 8.52 0.38 12.04
N ASN A 556 9.29 1.46 11.95
CA ASN A 556 9.31 2.50 12.96
C ASN A 556 8.00 3.32 12.96
N THR A 557 7.17 3.08 13.96
CA THR A 557 5.95 3.84 14.12
C THR A 557 5.62 4.03 15.60
N ALA A 558 5.34 5.26 16.00
CA ALA A 558 5.05 5.58 17.39
C ALA A 558 3.56 5.79 17.63
N LEU A 559 2.73 5.38 16.68
CA LEU A 559 1.28 5.64 16.77
C LEU A 559 0.65 4.95 17.98
N LEU A 560 0.90 3.64 18.15
CA LEU A 560 0.33 2.93 19.28
C LEU A 560 0.71 3.62 20.58
N GLU A 561 2.00 3.90 20.75
CA GLU A 561 2.50 4.62 21.91
C GLU A 561 1.71 5.91 22.17
N ARG A 562 1.43 6.68 21.11
CA ARG A 562 0.77 7.98 21.26
C ARG A 562 -0.67 7.83 21.69
N ILE A 563 -1.39 6.93 21.03
CA ILE A 563 -2.75 6.59 21.44
C ILE A 563 -2.79 6.19 22.91
N ARG A 564 -1.76 5.49 23.37
CA ARG A 564 -1.72 5.02 24.76
C ARG A 564 -1.14 6.01 25.78
N ALA A 565 -0.25 6.90 25.36
CA ALA A 565 0.13 8.02 26.22
C ALA A 565 -1.13 8.84 26.49
N HIS A 566 -1.89 9.11 25.42
CA HIS A 566 -3.19 9.82 25.47
C HIS A 566 -4.17 9.18 26.49
N LEU A 567 -4.34 7.85 26.38
CA LEU A 567 -5.26 7.11 27.25
C LEU A 567 -4.60 6.79 28.60
#